data_6RNM
#
_entry.id   6RNM
#
_cell.length_a   91.957
_cell.length_b   91.957
_cell.length_c   142.182
_cell.angle_alpha   90.000
_cell.angle_beta   90.000
_cell.angle_gamma   90.000
#
_symmetry.space_group_name_H-M   'P 41 21 2'
#
loop_
_entity.id
_entity.type
_entity.pdbx_description
1 polymer 'Formamidopyrimidine-DNA glycosylase'
2 polymer "DNA (5'-D(*CP*TP*CP*TP*TP*TP*(3DR)P*TP*TP*TP*CP*TP*CP*G)-3')"
3 polymer "DNA (5'-D(*GP*CP*GP*AP*GP*AP*AP*AP*CP*AP*AP*AP*GP*A)-3')"
4 non-polymer 'ZINC ION'
5 non-polymer 6-azanyl-9~{H}-purine-8-thiol
6 non-polymer GLYCEROL
7 water water
#
loop_
_entity_poly.entity_id
_entity_poly.type
_entity_poly.pdbx_seq_one_letter_code
_entity_poly.pdbx_strand_id
1 'polypeptide(L)'
;PELPEVETVRRELEKRIVGQKIISIEATYPRMVLTGFEQLKKELTGKTIQGISRRGKYLIFEIGDDFRLISHLRMEGKYR
LATLDAPREKHDHLTMKFADGQLIYADVRKFGTWELISTDQVLPYFLKKKIGPEPTYEDFDEKLFREKLRKSTKKIKPYL
LEQTLVAGLGNIYVDEVLWLAKIHPEKETNQLIESSIHLLHDSIIEILQKAIKLGGSSIRTYSALGSTGKMQNELQVYGK
TGEKCSRCGAEIQKIKVAGRGTHFCPVCQQK
;
A
2 'polydeoxyribonucleotide' (DC)(DT)(DC)(DT)(DT)(DT)(3DR)(DT)(DT)(DT)(DC)(DT)(DC)(DG) D
3 'polydeoxyribonucleotide' (DG)(DC)(DG)(DA)(DG)(DA)(DA)(DA)(DC)(DA)(DA)(DA)(DG)(DA) E
#
loop_
_chem_comp.id
_chem_comp.type
_chem_comp.name
_chem_comp.formula
3DR DNA linking 1',2'-DIDEOXYRIBOFURANOSE-5'-PHOSPHATE 'C5 H11 O6 P'
DA DNA linking 2'-DEOXYADENOSINE-5'-MONOPHOSPHATE 'C10 H14 N5 O6 P'
DC DNA linking 2'-DEOXYCYTIDINE-5'-MONOPHOSPHATE 'C9 H14 N3 O7 P'
DG DNA linking 2'-DEOXYGUANOSINE-5'-MONOPHOSPHATE 'C10 H14 N5 O7 P'
DT DNA linking THYMIDINE-5'-MONOPHOSPHATE 'C10 H15 N2 O8 P'
GOL non-polymer GLYCEROL 'C3 H8 O3'
KB5 non-polymer 6-azanyl-9~{H}-purine-8-thiol 'C5 H5 N5 S'
ZN non-polymer 'ZINC ION' 'Zn 2'
#
# COMPACT_ATOMS: atom_id res chain seq x y z
N PRO A 1 1.20 5.39 -1.40
CA PRO A 1 0.14 4.81 -0.57
C PRO A 1 0.59 3.57 0.20
N GLU A 2 -0.19 3.22 1.23
CA GLU A 2 0.05 1.97 1.99
C GLU A 2 -1.14 1.05 1.68
N LEU A 3 -1.19 -0.14 2.26
CA LEU A 3 -2.25 -1.10 1.90
C LEU A 3 -3.67 -0.50 1.96
N PRO A 4 -4.07 0.27 3.00
CA PRO A 4 -5.47 0.79 3.04
C PRO A 4 -5.80 1.72 1.89
N GLU A 5 -4.81 2.55 1.45
CA GLU A 5 -5.04 3.48 0.34
C GLU A 5 -5.15 2.69 -0.96
N VAL A 6 -4.27 1.68 -1.14
CA VAL A 6 -4.28 0.83 -2.33
C VAL A 6 -5.62 0.05 -2.39
N GLU A 7 -6.07 -0.46 -1.24
CA GLU A 7 -7.37 -1.16 -1.20
C GLU A 7 -8.53 -0.24 -1.60
N THR A 8 -8.51 1.04 -1.15
CA THR A 8 -9.55 2.03 -1.47
C THR A 8 -9.59 2.26 -2.99
N VAL A 9 -8.41 2.43 -3.62
CA VAL A 9 -8.28 2.60 -5.08
C VAL A 9 -8.83 1.34 -5.74
N ARG A 10 -8.44 0.15 -5.24
CA ARG A 10 -8.92 -1.13 -5.79
C ARG A 10 -10.44 -1.20 -5.82
N ARG A 11 -11.09 -0.83 -4.70
CA ARG A 11 -12.56 -0.90 -4.60
C ARG A 11 -13.25 0.04 -5.58
N GLU A 12 -12.72 1.26 -5.71
CA GLU A 12 -13.28 2.28 -6.62
C GLU A 12 -13.12 1.82 -8.07
N LEU A 13 -11.94 1.27 -8.42
CA LEU A 13 -11.71 0.73 -9.78
C LEU A 13 -12.62 -0.46 -10.08
N GLU A 14 -12.79 -1.37 -9.09
CA GLU A 14 -13.66 -2.53 -9.27
C GLU A 14 -15.09 -2.08 -9.61
N LYS A 15 -15.58 -1.06 -8.89
CA LYS A 15 -16.93 -0.52 -9.07
C LYS A 15 -17.10 0.18 -10.42
N ARG A 16 -16.04 0.82 -10.93
CA ARG A 16 -16.18 1.67 -12.11
C ARG A 16 -15.64 1.16 -13.43
N ILE A 17 -14.54 0.41 -13.47
CA ILE A 17 -13.97 0.03 -14.78
C ILE A 17 -14.14 -1.46 -15.12
N VAL A 18 -14.65 -2.28 -14.20
CA VAL A 18 -14.85 -3.70 -14.54
C VAL A 18 -15.90 -3.79 -15.68
N GLY A 19 -15.58 -4.56 -16.71
CA GLY A 19 -16.45 -4.71 -17.88
C GLY A 19 -16.10 -3.75 -19.01
N GLN A 20 -15.16 -2.82 -18.78
CA GLN A 20 -14.76 -1.84 -19.81
C GLN A 20 -13.73 -2.40 -20.77
N LYS A 21 -13.95 -2.14 -22.06
CA LYS A 21 -13.03 -2.54 -23.11
C LYS A 21 -11.98 -1.43 -23.26
N ILE A 22 -10.70 -1.79 -23.25
CA ILE A 22 -9.63 -0.83 -23.45
C ILE A 22 -9.58 -0.47 -24.95
N ILE A 23 -9.80 0.80 -25.29
CA ILE A 23 -9.77 1.21 -26.69
C ILE A 23 -8.34 1.48 -27.13
N SER A 24 -7.58 2.17 -26.28
CA SER A 24 -6.19 2.49 -26.57
C SER A 24 -5.45 2.75 -25.30
N ILE A 25 -4.11 2.64 -25.39
CA ILE A 25 -3.20 2.90 -24.27
C ILE A 25 -2.12 3.84 -24.78
N GLU A 26 -1.86 4.93 -24.06
CA GLU A 26 -0.83 5.91 -24.46
C GLU A 26 0.10 6.15 -23.29
N ALA A 27 1.35 6.49 -23.59
CA ALA A 27 2.35 6.79 -22.56
C ALA A 27 3.15 8.02 -22.93
N THR A 28 3.41 8.88 -21.95
CA THR A 28 4.35 9.98 -22.09
C THR A 28 5.62 9.57 -21.33
N TYR A 29 5.50 8.54 -20.43
CA TYR A 29 6.65 8.01 -19.69
C TYR A 29 6.64 6.49 -19.83
N PRO A 30 6.91 5.95 -21.05
CA PRO A 30 6.89 4.50 -21.23
C PRO A 30 7.87 3.69 -20.40
N ARG A 31 8.97 4.31 -19.93
N ARG A 31 8.99 4.30 -19.94
CA ARG A 31 10.00 3.67 -19.11
CA ARG A 31 9.99 3.56 -19.16
C ARG A 31 9.49 3.05 -17.80
C ARG A 31 9.48 3.02 -17.80
N MET A 32 8.32 3.51 -17.30
CA MET A 32 7.77 2.95 -16.04
C MET A 32 7.09 1.56 -16.26
N VAL A 33 6.91 1.14 -17.53
CA VAL A 33 6.37 -0.20 -17.86
C VAL A 33 7.56 -1.13 -17.94
N LEU A 34 7.87 -1.78 -16.82
CA LEU A 34 9.08 -2.61 -16.67
C LEU A 34 9.17 -3.79 -17.62
N THR A 35 8.00 -4.27 -18.11
CA THR A 35 7.94 -5.38 -19.05
C THR A 35 7.95 -4.89 -20.51
N GLY A 36 7.97 -3.56 -20.70
CA GLY A 36 8.02 -2.96 -22.03
C GLY A 36 6.68 -2.38 -22.45
N PHE A 37 6.67 -1.07 -22.71
CA PHE A 37 5.43 -0.38 -23.07
C PHE A 37 4.79 -0.86 -24.39
N GLU A 38 5.57 -0.92 -25.48
CA GLU A 38 5.01 -1.32 -26.77
C GLU A 38 4.40 -2.71 -26.71
N GLN A 39 5.02 -3.60 -25.93
CA GLN A 39 4.54 -4.96 -25.74
C GLN A 39 3.22 -4.94 -24.98
N LEU A 40 3.12 -4.11 -23.91
CA LEU A 40 1.88 -3.99 -23.13
C LEU A 40 0.76 -3.40 -24.00
N LYS A 41 1.07 -2.36 -24.79
CA LYS A 41 0.07 -1.72 -25.65
C LYS A 41 -0.50 -2.73 -26.66
N LYS A 42 0.37 -3.53 -27.27
CA LYS A 42 -0.02 -4.55 -28.26
C LYS A 42 -0.89 -5.63 -27.61
N GLU A 43 -0.50 -6.12 -26.40
CA GLU A 43 -1.27 -7.18 -25.75
C GLU A 43 -2.62 -6.75 -25.19
N LEU A 44 -2.71 -5.55 -24.60
CA LEU A 44 -3.92 -5.16 -23.89
C LEU A 44 -4.95 -4.34 -24.67
N THR A 45 -4.57 -3.73 -25.79
CA THR A 45 -5.52 -2.94 -26.61
C THR A 45 -6.63 -3.88 -27.10
N GLY A 46 -7.89 -3.48 -26.88
CA GLY A 46 -9.05 -4.27 -27.28
C GLY A 46 -9.51 -5.28 -26.24
N LYS A 47 -8.77 -5.43 -25.11
CA LYS A 47 -9.15 -6.39 -24.08
C LYS A 47 -10.07 -5.72 -23.05
N THR A 48 -10.84 -6.54 -22.33
CA THR A 48 -11.79 -6.10 -21.32
C THR A 48 -11.24 -6.29 -19.90
N ILE A 49 -11.44 -5.29 -19.03
CA ILE A 49 -11.06 -5.39 -17.62
C ILE A 49 -12.07 -6.34 -16.94
N GLN A 50 -11.58 -7.43 -16.34
CA GLN A 50 -12.46 -8.40 -15.71
CA GLN A 50 -12.41 -8.44 -15.70
C GLN A 50 -12.53 -8.24 -14.20
N GLY A 51 -11.53 -7.61 -13.62
CA GLY A 51 -11.50 -7.42 -12.19
C GLY A 51 -10.25 -6.69 -11.75
N ILE A 52 -10.24 -6.33 -10.46
CA ILE A 52 -9.09 -5.65 -9.87
C ILE A 52 -8.84 -6.32 -8.53
N SER A 53 -7.61 -6.83 -8.34
CA SER A 53 -7.25 -7.44 -7.07
C SER A 53 -6.10 -6.67 -6.43
N ARG A 54 -5.65 -7.14 -5.26
CA ARG A 54 -4.55 -6.48 -4.56
C ARG A 54 -3.78 -7.53 -3.77
N ARG A 55 -2.48 -7.33 -3.65
CA ARG A 55 -1.59 -8.18 -2.83
C ARG A 55 -0.64 -7.20 -2.16
N GLY A 56 -0.70 -7.10 -0.84
CA GLY A 56 0.10 -6.10 -0.16
C GLY A 56 -0.24 -4.70 -0.69
N LYS A 57 0.78 -3.93 -1.08
CA LYS A 57 0.59 -2.58 -1.64
C LYS A 57 0.51 -2.62 -3.19
N TYR A 58 0.45 -3.83 -3.77
CA TYR A 58 0.37 -3.98 -5.22
C TYR A 58 -1.07 -4.06 -5.71
N LEU A 59 -1.38 -3.30 -6.75
CA LEU A 59 -2.68 -3.33 -7.42
C LEU A 59 -2.54 -4.31 -8.60
N ILE A 60 -3.54 -5.15 -8.84
CA ILE A 60 -3.47 -6.15 -9.91
C ILE A 60 -4.70 -6.00 -10.81
N PHE A 61 -4.52 -5.55 -12.05
CA PHE A 61 -5.64 -5.47 -13.00
C PHE A 61 -5.77 -6.81 -13.69
N GLU A 62 -6.97 -7.39 -13.72
CA GLU A 62 -7.23 -8.67 -14.40
C GLU A 62 -7.82 -8.31 -15.74
N ILE A 63 -7.06 -8.50 -16.83
CA ILE A 63 -7.47 -8.00 -18.15
C ILE A 63 -7.48 -9.15 -19.12
N GLY A 64 -8.67 -9.56 -19.54
CA GLY A 64 -8.84 -10.81 -20.30
C GLY A 64 -8.61 -11.96 -19.33
N ASP A 65 -8.71 -13.20 -19.80
CA ASP A 65 -8.50 -14.33 -18.90
C ASP A 65 -7.03 -14.62 -18.62
N ASP A 66 -6.13 -14.19 -19.52
CA ASP A 66 -4.72 -14.56 -19.43
C ASP A 66 -3.72 -13.49 -18.96
N PHE A 67 -4.12 -12.21 -18.81
CA PHE A 67 -3.20 -11.16 -18.41
C PHE A 67 -3.49 -10.53 -17.09
N ARG A 68 -2.40 -10.16 -16.39
CA ARG A 68 -2.46 -9.39 -15.19
C ARG A 68 -1.49 -8.23 -15.27
N LEU A 69 -1.99 -7.05 -14.96
CA LEU A 69 -1.16 -5.87 -14.96
C LEU A 69 -0.91 -5.55 -13.49
N ILE A 70 0.34 -5.69 -13.06
N ILE A 70 0.32 -5.73 -13.03
CA ILE A 70 0.80 -5.44 -11.69
CA ILE A 70 0.65 -5.43 -11.63
C ILE A 70 1.24 -3.98 -11.60
C ILE A 70 1.22 -4.02 -11.55
N SER A 71 0.54 -3.18 -10.80
CA SER A 71 0.88 -1.78 -10.63
C SER A 71 1.28 -1.47 -9.18
N HIS A 72 2.42 -0.80 -9.01
CA HIS A 72 2.86 -0.36 -7.70
C HIS A 72 2.90 1.15 -7.75
N LEU A 73 2.26 1.81 -6.81
CA LEU A 73 2.17 3.28 -6.83
C LEU A 73 3.31 3.96 -6.06
N ARG A 74 4.10 3.15 -5.33
CA ARG A 74 5.27 3.60 -4.60
C ARG A 74 4.95 4.78 -3.65
N MET A 75 5.67 5.93 -3.78
CA MET A 75 5.48 7.03 -2.83
C MET A 75 4.35 8.00 -3.14
N GLU A 76 4.11 8.29 -4.43
CA GLU A 76 3.23 9.39 -4.86
C GLU A 76 2.28 9.07 -6.02
N GLY A 77 2.23 7.80 -6.44
CA GLY A 77 1.38 7.40 -7.56
C GLY A 77 -0.10 7.67 -7.30
N LYS A 78 -0.80 8.15 -8.33
CA LYS A 78 -2.23 8.50 -8.24
C LYS A 78 -2.92 8.14 -9.52
N TYR A 79 -4.10 7.50 -9.40
CA TYR A 79 -4.94 7.21 -10.56
C TYR A 79 -6.13 8.16 -10.51
N ARG A 80 -6.68 8.49 -11.67
CA ARG A 80 -7.92 9.25 -11.72
C ARG A 80 -8.69 8.81 -12.94
N LEU A 81 -10.03 8.88 -12.86
CA LEU A 81 -10.91 8.57 -13.99
C LEU A 81 -11.34 9.93 -14.56
N ALA A 82 -10.95 10.17 -15.81
CA ALA A 82 -11.17 11.46 -16.44
C ALA A 82 -11.96 11.36 -17.72
N THR A 83 -12.50 12.51 -18.20
CA THR A 83 -13.19 12.53 -19.48
C THR A 83 -12.15 12.33 -20.59
N LEU A 84 -12.58 11.91 -21.79
CA LEU A 84 -11.65 11.71 -22.89
C LEU A 84 -10.98 13.02 -23.36
N ASP A 85 -11.62 14.16 -23.13
CA ASP A 85 -11.06 15.46 -23.52
C ASP A 85 -10.28 16.13 -22.37
N ALA A 86 -10.08 15.43 -21.23
CA ALA A 86 -9.42 16.04 -20.07
C ALA A 86 -8.03 16.56 -20.44
N PRO A 87 -7.63 17.76 -19.97
CA PRO A 87 -6.30 18.27 -20.34
C PRO A 87 -5.21 17.48 -19.65
N ARG A 88 -4.05 17.45 -20.26
CA ARG A 88 -2.98 16.71 -19.64
C ARG A 88 -2.38 17.52 -18.49
N GLU A 89 -2.03 16.83 -17.39
CA GLU A 89 -1.43 17.43 -16.21
C GLU A 89 0.06 17.06 -16.22
N LYS A 90 0.91 17.92 -15.64
CA LYS A 90 2.38 17.79 -15.69
C LYS A 90 2.95 16.39 -15.43
N HIS A 91 2.50 15.74 -14.37
CA HIS A 91 3.07 14.43 -13.99
C HIS A 91 2.23 13.21 -14.41
N ASP A 92 1.32 13.36 -15.40
CA ASP A 92 0.58 12.24 -15.98
C ASP A 92 1.54 11.44 -16.84
N HIS A 93 1.56 10.10 -16.68
CA HIS A 93 2.52 9.27 -17.41
C HIS A 93 1.90 8.28 -18.37
N LEU A 94 0.75 7.73 -18.01
CA LEU A 94 0.09 6.65 -18.77
C LEU A 94 -1.41 6.86 -18.75
N THR A 95 -2.08 6.41 -19.80
CA THR A 95 -3.55 6.41 -19.82
C THR A 95 -4.11 5.16 -20.51
N MET A 96 -5.20 4.58 -19.96
CA MET A 96 -5.96 3.50 -20.60
C MET A 96 -7.23 4.21 -20.99
N LYS A 97 -7.51 4.30 -22.27
CA LYS A 97 -8.70 4.99 -22.75
C LYS A 97 -9.80 4.00 -23.01
N PHE A 98 -10.98 4.30 -22.50
CA PHE A 98 -12.19 3.50 -22.71
C PHE A 98 -13.09 4.32 -23.63
N ALA A 99 -14.27 3.80 -23.98
CA ALA A 99 -15.17 4.54 -24.86
C ALA A 99 -15.76 5.79 -24.19
N ASP A 100 -15.96 5.77 -22.85
CA ASP A 100 -16.59 6.91 -22.16
C ASP A 100 -15.73 7.61 -21.11
N GLY A 101 -14.42 7.38 -21.15
CA GLY A 101 -13.52 8.04 -20.20
C GLY A 101 -12.17 7.38 -20.23
N GLN A 102 -11.27 7.81 -19.37
CA GLN A 102 -9.92 7.24 -19.37
C GLN A 102 -9.39 7.14 -17.96
N LEU A 103 -8.50 6.16 -17.73
CA LEU A 103 -7.87 5.97 -16.45
C LEU A 103 -6.47 6.48 -16.60
N ILE A 104 -6.13 7.55 -15.88
CA ILE A 104 -4.81 8.17 -15.97
C ILE A 104 -3.97 7.87 -14.75
N TYR A 105 -2.70 7.51 -14.97
CA TYR A 105 -1.76 7.30 -13.89
C TYR A 105 -0.78 8.46 -13.87
N ALA A 106 -0.62 9.09 -12.71
CA ALA A 106 0.31 10.21 -12.51
C ALA A 106 1.23 9.88 -11.34
N ASP A 107 2.47 10.37 -11.38
CA ASP A 107 3.41 10.09 -10.32
C ASP A 107 4.50 11.11 -10.37
N VAL A 108 4.46 12.10 -9.44
CA VAL A 108 5.47 13.18 -9.47
C VAL A 108 6.91 12.60 -9.50
N ARG A 109 7.18 11.63 -8.63
CA ARG A 109 8.55 11.13 -8.45
C ARG A 109 8.96 10.05 -9.46
N LYS A 110 8.03 9.60 -10.32
CA LYS A 110 8.30 8.58 -11.35
C LYS A 110 8.79 7.26 -10.71
N PHE A 111 8.36 6.94 -9.48
CA PHE A 111 8.81 5.68 -8.85
C PHE A 111 7.89 4.50 -9.16
N GLY A 112 6.61 4.80 -9.41
CA GLY A 112 5.62 3.77 -9.69
C GLY A 112 5.95 2.93 -10.89
N THR A 113 5.45 1.68 -10.90
CA THR A 113 5.78 0.72 -11.96
C THR A 113 4.57 -0.04 -12.43
N TRP A 114 4.63 -0.49 -13.67
CA TRP A 114 3.65 -1.39 -14.28
C TRP A 114 4.41 -2.60 -14.83
N GLU A 115 3.86 -3.80 -14.61
CA GLU A 115 4.46 -5.02 -15.16
C GLU A 115 3.34 -5.91 -15.68
N LEU A 116 3.45 -6.34 -16.94
CA LEU A 116 2.45 -7.20 -17.54
C LEU A 116 2.92 -8.62 -17.36
N ILE A 117 2.13 -9.44 -16.67
CA ILE A 117 2.50 -10.85 -16.51
C ILE A 117 1.28 -11.76 -16.78
N SER A 118 1.49 -13.06 -16.97
CA SER A 118 0.36 -13.95 -17.24
C SER A 118 -0.31 -14.40 -15.95
N THR A 119 -1.59 -14.82 -16.05
CA THR A 119 -2.35 -15.28 -14.88
C THR A 119 -1.58 -16.30 -14.05
N ASP A 120 -0.98 -17.32 -14.68
CA ASP A 120 -0.28 -18.35 -13.90
C ASP A 120 1.09 -17.89 -13.33
N GLN A 121 1.55 -16.67 -13.67
CA GLN A 121 2.81 -16.19 -13.12
CA GLN A 121 2.82 -16.06 -13.22
C GLN A 121 2.62 -15.20 -11.97
N VAL A 122 1.36 -14.88 -11.62
CA VAL A 122 1.05 -13.98 -10.49
C VAL A 122 1.50 -14.54 -9.14
N LEU A 123 1.10 -15.78 -8.80
CA LEU A 123 1.52 -16.35 -7.52
C LEU A 123 3.07 -16.51 -7.45
N PRO A 124 3.78 -16.99 -8.51
CA PRO A 124 5.27 -17.01 -8.44
C PRO A 124 5.93 -15.62 -8.32
N TYR A 125 5.31 -14.59 -8.94
CA TYR A 125 5.80 -13.21 -8.84
C TYR A 125 5.86 -12.78 -7.37
N PHE A 126 4.76 -13.00 -6.62
CA PHE A 126 4.75 -12.60 -5.21
C PHE A 126 5.63 -13.50 -4.33
N LEU A 127 5.76 -14.78 -4.70
CA LEU A 127 6.66 -15.69 -3.98
C LEU A 127 8.10 -15.18 -4.15
N LYS A 128 8.48 -14.72 -5.36
CA LYS A 128 9.83 -14.21 -5.63
C LYS A 128 10.11 -12.93 -4.81
N LYS A 129 9.08 -12.07 -4.64
CA LYS A 129 9.18 -10.83 -3.85
C LYS A 129 9.24 -11.13 -2.33
N LYS A 130 8.90 -12.36 -1.93
CA LYS A 130 8.89 -12.82 -0.52
C LYS A 130 7.86 -12.06 0.36
N ILE A 131 6.78 -11.58 -0.29
CA ILE A 131 5.72 -10.83 0.41
C ILE A 131 5.08 -11.72 1.46
N GLY A 132 4.92 -11.16 2.65
CA GLY A 132 4.30 -11.84 3.78
C GLY A 132 2.79 -11.93 3.68
N PRO A 133 2.15 -12.45 4.75
CA PRO A 133 0.68 -12.66 4.67
C PRO A 133 -0.11 -11.38 4.68
N GLU A 134 -1.33 -11.44 4.13
CA GLU A 134 -2.23 -10.29 4.21
C GLU A 134 -2.57 -10.06 5.72
N PRO A 135 -2.85 -8.80 6.11
CA PRO A 135 -3.13 -8.49 7.53
C PRO A 135 -4.59 -8.76 7.93
N THR A 136 -4.97 -10.03 7.94
CA THR A 136 -6.33 -10.46 8.32
C THR A 136 -6.19 -11.54 9.37
N TYR A 137 -7.25 -11.75 10.16
CA TYR A 137 -7.21 -12.83 11.16
C TYR A 137 -7.00 -14.20 10.50
N GLU A 138 -7.58 -14.42 9.30
CA GLU A 138 -7.47 -15.66 8.54
C GLU A 138 -6.06 -15.95 8.03
N ASP A 139 -5.34 -14.95 7.46
CA ASP A 139 -4.03 -15.21 6.86
C ASP A 139 -2.80 -14.91 7.73
N PHE A 140 -2.93 -13.99 8.66
CA PHE A 140 -1.81 -13.55 9.48
C PHE A 140 -1.73 -14.39 10.73
N ASP A 141 -0.94 -15.47 10.66
CA ASP A 141 -0.83 -16.39 11.78
C ASP A 141 0.11 -15.84 12.85
N GLU A 142 -0.42 -15.61 14.05
CA GLU A 142 0.39 -15.10 15.17
C GLU A 142 1.52 -16.08 15.56
N LYS A 143 1.29 -17.40 15.44
CA LYS A 143 2.31 -18.37 15.88
C LYS A 143 3.59 -18.26 15.06
N LEU A 144 3.49 -18.20 13.71
CA LEU A 144 4.68 -18.00 12.87
C LEU A 144 5.28 -16.60 13.09
N PHE A 145 4.43 -15.58 13.23
CA PHE A 145 4.87 -14.20 13.49
C PHE A 145 5.74 -14.20 14.77
N ARG A 146 5.23 -14.82 15.83
CA ARG A 146 5.99 -14.91 17.10
C ARG A 146 7.35 -15.59 16.92
N GLU A 147 7.40 -16.70 16.19
CA GLU A 147 8.65 -17.44 15.96
C GLU A 147 9.67 -16.63 15.18
N LYS A 148 9.21 -15.90 14.16
CA LYS A 148 10.10 -15.05 13.37
C LYS A 148 10.64 -13.90 14.20
N LEU A 149 9.81 -13.30 15.06
CA LEU A 149 10.30 -12.21 15.92
C LEU A 149 11.32 -12.72 16.94
N ARG A 150 11.10 -13.93 17.46
CA ARG A 150 11.98 -14.54 18.45
CA ARG A 150 11.96 -14.59 18.44
C ARG A 150 13.38 -14.80 17.91
N LYS A 151 13.50 -15.18 16.63
CA LYS A 151 14.75 -15.52 15.93
C LYS A 151 15.60 -14.32 15.47
N SER A 152 15.03 -13.12 15.47
CA SER A 152 15.73 -11.96 14.91
C SER A 152 16.24 -10.96 15.94
N THR A 153 17.30 -10.20 15.57
CA THR A 153 17.80 -9.11 16.42
C THR A 153 17.48 -7.78 15.72
N LYS A 154 16.67 -7.82 14.63
CA LYS A 154 16.29 -6.60 13.94
C LYS A 154 15.42 -5.73 14.85
N LYS A 155 15.39 -4.42 14.58
CA LYS A 155 14.52 -3.47 15.27
C LYS A 155 13.10 -3.69 14.69
N ILE A 156 12.08 -3.58 15.55
CA ILE A 156 10.70 -3.91 15.15
C ILE A 156 10.18 -3.05 13.98
N LYS A 157 10.40 -1.72 14.01
CA LYS A 157 9.87 -0.88 12.93
C LYS A 157 10.43 -1.28 11.54
N PRO A 158 11.78 -1.29 11.32
CA PRO A 158 12.27 -1.69 9.98
C PRO A 158 11.90 -3.12 9.63
N TYR A 159 11.89 -4.06 10.60
CA TYR A 159 11.52 -5.43 10.26
C TYR A 159 10.05 -5.47 9.76
N LEU A 160 9.14 -4.77 10.44
CA LEU A 160 7.74 -4.73 9.96
C LEU A 160 7.63 -4.09 8.58
N LEU A 161 8.45 -3.07 8.32
CA LEU A 161 8.43 -2.39 7.03
C LEU A 161 8.94 -3.26 5.88
N GLU A 162 9.68 -4.35 6.17
CA GLU A 162 10.22 -5.23 5.10
C GLU A 162 9.16 -5.98 4.31
N GLN A 163 7.89 -6.01 4.78
CA GLN A 163 6.73 -6.67 4.13
C GLN A 163 6.77 -8.18 4.22
N THR A 164 7.74 -8.77 4.94
CA THR A 164 7.92 -10.23 5.04
C THR A 164 7.17 -10.86 6.21
N LEU A 165 7.04 -10.12 7.32
CA LEU A 165 6.30 -10.64 8.50
C LEU A 165 4.80 -10.56 8.26
N VAL A 166 4.39 -9.56 7.49
CA VAL A 166 3.01 -9.19 7.18
C VAL A 166 3.11 -8.16 6.10
N ALA A 167 2.18 -8.18 5.17
CA ALA A 167 2.19 -7.25 4.04
C ALA A 167 1.35 -6.01 4.30
N GLY A 168 1.83 -4.87 3.81
CA GLY A 168 1.00 -3.67 3.76
C GLY A 168 1.30 -2.47 4.65
N LEU A 169 2.13 -2.64 5.69
CA LEU A 169 2.46 -1.49 6.53
C LEU A 169 3.48 -0.60 5.82
N GLY A 170 3.28 0.70 5.93
CA GLY A 170 4.22 1.69 5.46
C GLY A 170 4.52 2.61 6.62
N ASN A 171 5.12 3.77 6.34
CA ASN A 171 5.55 4.63 7.44
C ASN A 171 4.42 5.10 8.33
N ILE A 172 3.27 5.47 7.75
CA ILE A 172 2.17 5.97 8.58
C ILE A 172 1.63 4.89 9.52
N TYR A 173 1.25 3.73 8.94
CA TYR A 173 0.58 2.72 9.74
C TYR A 173 1.53 1.97 10.65
N VAL A 174 2.83 1.85 10.32
CA VAL A 174 3.75 1.20 11.28
C VAL A 174 3.88 2.10 12.55
N ASP A 175 3.96 3.43 12.38
CA ASP A 175 4.05 4.33 13.54
C ASP A 175 2.76 4.22 14.38
N GLU A 176 1.60 4.19 13.71
CA GLU A 176 0.27 4.10 14.36
C GLU A 176 0.13 2.78 15.14
N VAL A 177 0.55 1.66 14.52
CA VAL A 177 0.47 0.33 15.10
C VAL A 177 1.36 0.24 16.33
N LEU A 178 2.62 0.74 16.23
CA LEU A 178 3.54 0.66 17.36
C LEU A 178 3.09 1.52 18.55
N TRP A 179 2.46 2.66 18.28
CA TRP A 179 1.91 3.48 19.35
C TRP A 179 0.74 2.71 19.99
N LEU A 180 -0.15 2.16 19.16
CA LEU A 180 -1.31 1.43 19.70
C LEU A 180 -0.87 0.24 20.54
N ALA A 181 0.15 -0.49 20.07
CA ALA A 181 0.67 -1.67 20.79
C ALA A 181 1.66 -1.34 21.92
N LYS A 182 1.95 -0.05 22.13
CA LYS A 182 2.85 0.44 23.18
C LYS A 182 4.27 -0.17 23.07
N ILE A 183 4.81 -0.20 21.84
CA ILE A 183 6.14 -0.75 21.55
C ILE A 183 7.03 0.32 20.94
N HIS A 184 8.27 0.44 21.45
CA HIS A 184 9.21 1.41 20.91
C HIS A 184 9.68 0.94 19.54
N PRO A 185 9.76 1.84 18.52
CA PRO A 185 10.16 1.40 17.16
C PRO A 185 11.56 0.76 17.06
N GLU A 186 12.44 1.06 18.02
CA GLU A 186 13.80 0.52 18.02
C GLU A 186 13.92 -0.75 18.87
N LYS A 187 12.80 -1.25 19.41
CA LYS A 187 12.86 -2.48 20.21
C LYS A 187 13.36 -3.68 19.36
N GLU A 188 14.39 -4.41 19.86
CA GLU A 188 14.87 -5.61 19.13
C GLU A 188 13.77 -6.67 19.27
N THR A 189 13.36 -7.28 18.16
CA THR A 189 12.21 -8.17 18.15
C THR A 189 12.34 -9.36 19.09
N ASN A 190 13.57 -9.89 19.28
CA ASN A 190 13.76 -11.04 20.19
C ASN A 190 13.59 -10.65 21.66
N GLN A 191 13.36 -9.36 21.95
CA GLN A 191 13.13 -8.89 23.32
C GLN A 191 11.64 -8.82 23.64
N LEU A 192 10.78 -8.91 22.58
CA LEU A 192 9.33 -8.83 22.76
C LEU A 192 8.77 -10.06 23.44
N ILE A 193 7.93 -9.86 24.46
CA ILE A 193 7.32 -10.99 25.17
C ILE A 193 6.03 -11.39 24.46
N GLU A 194 5.54 -12.62 24.76
CA GLU A 194 4.33 -13.16 24.12
C GLU A 194 3.11 -12.22 24.11
N SER A 195 2.80 -11.58 25.25
CA SER A 195 1.64 -10.69 25.36
C SER A 195 1.79 -9.44 24.49
N SER A 196 3.02 -8.90 24.36
N SER A 196 3.02 -8.90 24.37
CA SER A 196 3.31 -7.74 23.51
CA SER A 196 3.32 -7.75 23.54
C SER A 196 3.14 -8.13 22.04
C SER A 196 3.17 -8.12 22.04
N ILE A 197 3.60 -9.34 21.67
CA ILE A 197 3.48 -9.85 20.28
C ILE A 197 2.00 -10.03 19.93
N HIS A 198 1.20 -10.53 20.88
CA HIS A 198 -0.23 -10.71 20.66
C HIS A 198 -0.89 -9.36 20.42
N LEU A 199 -0.60 -8.37 21.27
CA LEU A 199 -1.17 -7.03 21.07
C LEU A 199 -0.74 -6.43 19.74
N LEU A 200 0.54 -6.59 19.39
CA LEU A 200 1.06 -6.10 18.10
C LEU A 200 0.34 -6.75 16.93
N HIS A 201 0.18 -8.09 16.96
CA HIS A 201 -0.48 -8.83 15.89
C HIS A 201 -1.91 -8.29 15.69
N ASP A 202 -2.67 -8.17 16.78
CA ASP A 202 -4.06 -7.71 16.67
C ASP A 202 -4.12 -6.23 16.28
N SER A 203 -3.17 -5.41 16.77
CA SER A 203 -3.12 -3.98 16.45
C SER A 203 -2.84 -3.77 14.96
N ILE A 204 -2.00 -4.62 14.35
CA ILE A 204 -1.72 -4.51 12.90
C ILE A 204 -3.03 -4.72 12.13
N ILE A 205 -3.76 -5.80 12.46
CA ILE A 205 -5.02 -6.11 11.78
C ILE A 205 -6.05 -5.01 12.02
N GLU A 206 -6.24 -4.62 13.29
CA GLU A 206 -7.25 -3.61 13.63
C GLU A 206 -7.00 -2.25 13.00
N ILE A 207 -5.75 -1.73 13.03
CA ILE A 207 -5.44 -0.43 12.44
C ILE A 207 -5.68 -0.45 10.91
N LEU A 208 -5.17 -1.49 10.23
CA LEU A 208 -5.30 -1.57 8.77
C LEU A 208 -6.75 -1.76 8.34
N GLN A 209 -7.52 -2.59 9.07
CA GLN A 209 -8.94 -2.77 8.73
C GLN A 209 -9.75 -1.49 9.00
N LYS A 210 -9.41 -0.74 10.08
CA LYS A 210 -10.07 0.53 10.38
C LYS A 210 -9.74 1.55 9.26
N ALA A 211 -8.46 1.63 8.86
CA ALA A 211 -8.03 2.54 7.78
C ALA A 211 -8.76 2.20 6.46
N ILE A 212 -8.94 0.91 6.15
CA ILE A 212 -9.68 0.49 4.94
C ILE A 212 -11.14 0.99 5.05
N LYS A 213 -11.81 0.70 6.18
CA LYS A 213 -13.20 1.11 6.39
C LYS A 213 -13.35 2.64 6.21
N LEU A 214 -12.34 3.42 6.63
CA LEU A 214 -12.39 4.88 6.53
C LEU A 214 -11.87 5.44 5.20
N GLY A 215 -11.53 4.57 4.26
CA GLY A 215 -11.10 4.99 2.93
C GLY A 215 -9.68 5.52 2.85
N GLY A 216 -8.83 5.09 3.80
CA GLY A 216 -7.42 5.47 3.83
C GLY A 216 -7.16 6.88 4.33
N SER A 217 -5.87 7.25 4.37
CA SER A 217 -5.42 8.56 4.85
C SER A 217 -5.15 9.45 3.65
N SER A 218 -5.89 10.54 3.55
CA SER A 218 -5.72 11.53 2.48
C SER A 218 -5.36 12.84 3.18
N ILE A 219 -4.04 13.08 3.35
CA ILE A 219 -3.50 14.29 3.97
C ILE A 219 -3.56 15.42 2.92
N ARG A 220 -3.42 15.04 1.64
CA ARG A 220 -3.56 15.89 0.45
C ARG A 220 -4.66 15.18 -0.40
N THR A 221 -5.93 15.52 -0.09
CA THR A 221 -7.16 14.95 -0.63
C THR A 221 -7.77 15.69 -1.84
N TYR A 222 -7.32 15.40 -3.09
CA TYR A 222 -7.85 16.09 -4.27
C TYR A 222 -7.70 15.38 -5.63
N SER A 223 -8.79 15.42 -6.44
CA SER A 223 -8.95 14.97 -7.83
C SER A 223 -8.26 13.66 -8.24
N ALA A 224 -8.41 12.61 -7.42
CA ALA A 224 -7.85 11.28 -7.71
C ALA A 224 -8.63 10.20 -6.96
N LEU A 225 -8.55 8.95 -7.42
CA LEU A 225 -9.22 7.86 -6.71
C LEU A 225 -8.58 7.72 -5.32
N GLY A 226 -9.41 7.41 -4.33
CA GLY A 226 -8.98 7.27 -2.94
C GLY A 226 -8.69 8.60 -2.25
N SER A 227 -9.15 9.72 -2.81
CA SER A 227 -8.89 11.03 -2.20
C SER A 227 -9.93 11.45 -1.14
N THR A 228 -10.97 10.64 -0.93
CA THR A 228 -12.05 11.00 0.02
C THR A 228 -11.90 10.27 1.38
N GLY A 229 -10.68 9.88 1.71
CA GLY A 229 -10.37 9.17 2.96
C GLY A 229 -10.57 10.00 4.21
N LYS A 230 -10.83 9.30 5.33
CA LYS A 230 -11.07 9.94 6.64
C LYS A 230 -10.13 9.42 7.74
N MET A 231 -9.22 8.49 7.40
CA MET A 231 -8.29 7.92 8.40
C MET A 231 -7.29 8.97 8.92
N GLN A 232 -6.90 9.98 8.09
CA GLN A 232 -5.96 11.03 8.55
C GLN A 232 -6.44 11.73 9.83
N ASN A 233 -7.78 11.79 10.05
CA ASN A 233 -8.40 12.40 11.24
C ASN A 233 -8.30 11.48 12.47
N GLU A 234 -7.85 10.24 12.29
CA GLU A 234 -7.72 9.24 13.37
C GLU A 234 -6.28 8.96 13.76
N LEU A 235 -5.30 9.59 13.08
CA LEU A 235 -3.88 9.40 13.37
C LEU A 235 -3.53 9.94 14.76
N GLN A 236 -2.85 9.12 15.54
CA GLN A 236 -2.48 9.45 16.93
C GLN A 236 -1.06 9.96 17.06
N VAL A 237 -0.15 9.56 16.14
CA VAL A 237 1.26 9.91 16.20
C VAL A 237 1.85 10.41 14.89
N TYR A 238 1.54 9.75 13.75
CA TYR A 238 2.16 10.14 12.48
C TYR A 238 1.93 11.63 12.16
N GLY A 239 3.02 12.36 11.99
CA GLY A 239 3.00 13.80 11.71
C GLY A 239 2.50 14.66 12.86
N LYS A 240 2.43 14.09 14.08
CA LYS A 240 1.93 14.79 15.27
C LYS A 240 3.06 15.26 16.18
N THR A 241 4.29 15.42 15.65
CA THR A 241 5.45 15.90 16.44
C THR A 241 5.09 17.16 17.24
N GLY A 242 5.42 17.14 18.52
CA GLY A 242 5.17 18.26 19.43
C GLY A 242 3.76 18.34 19.99
N GLU A 243 2.81 17.56 19.44
CA GLU A 243 1.44 17.51 19.95
C GLU A 243 1.39 16.50 21.10
N LYS A 244 0.32 16.53 21.90
CA LYS A 244 0.21 15.65 23.06
C LYS A 244 -0.38 14.29 22.71
N CYS A 245 0.15 13.24 23.37
CA CYS A 245 -0.33 11.86 23.26
C CYS A 245 -1.74 11.82 23.81
N SER A 246 -2.69 11.21 23.10
CA SER A 246 -4.08 11.13 23.58
C SER A 246 -4.24 10.26 24.85
N ARG A 247 -3.28 9.35 25.14
CA ARG A 247 -3.37 8.51 26.34
C ARG A 247 -2.78 9.12 27.60
N CYS A 248 -1.55 9.61 27.52
CA CYS A 248 -0.81 10.09 28.69
C CYS A 248 -0.59 11.59 28.74
N GLY A 249 -0.65 12.26 27.58
CA GLY A 249 -0.41 13.70 27.52
C GLY A 249 1.02 14.13 27.31
N ALA A 250 1.97 13.18 27.14
CA ALA A 250 3.37 13.56 26.85
C ALA A 250 3.44 14.04 25.39
N GLU A 251 4.43 14.88 25.02
CA GLU A 251 4.60 15.32 23.63
C GLU A 251 5.10 14.19 22.76
N ILE A 252 4.53 14.08 21.56
CA ILE A 252 4.98 13.10 20.58
C ILE A 252 6.33 13.61 20.06
N GLN A 253 7.28 12.68 19.97
CA GLN A 253 8.63 12.95 19.50
C GLN A 253 8.84 12.39 18.10
N LYS A 254 9.77 12.99 17.34
CA LYS A 254 10.13 12.48 16.02
C LYS A 254 11.62 12.19 16.02
N ILE A 255 12.00 10.97 15.61
CA ILE A 255 13.39 10.53 15.50
C ILE A 255 13.60 9.89 14.12
N LYS A 256 14.85 9.52 13.78
CA LYS A 256 15.12 8.80 12.54
C LYS A 256 15.43 7.36 12.91
N VAL A 257 14.73 6.38 12.28
CA VAL A 257 14.98 4.96 12.53
C VAL A 257 15.19 4.30 11.18
N ALA A 258 16.40 3.74 10.96
CA ALA A 258 16.76 3.09 9.69
C ALA A 258 16.37 3.98 8.46
N GLY A 259 16.70 5.26 8.55
CA GLY A 259 16.44 6.23 7.49
C GLY A 259 15.02 6.77 7.35
N ARG A 260 14.09 6.35 8.23
CA ARG A 260 12.69 6.82 8.17
C ARG A 260 12.31 7.73 9.34
N GLY A 261 11.48 8.76 9.05
CA GLY A 261 10.89 9.65 10.04
C GLY A 261 10.02 8.80 10.93
N THR A 262 10.21 8.89 12.26
CA THR A 262 9.53 7.99 13.19
C THR A 262 8.88 8.79 14.33
N HIS A 263 7.57 8.63 14.50
CA HIS A 263 6.78 9.40 15.49
C HIS A 263 6.35 8.47 16.60
N PHE A 264 6.59 8.85 17.85
CA PHE A 264 6.24 7.96 18.95
C PHE A 264 6.03 8.72 20.25
N CYS A 265 5.33 8.09 21.21
CA CYS A 265 5.17 8.67 22.53
C CYS A 265 6.25 8.04 23.43
N PRO A 266 7.16 8.85 24.02
CA PRO A 266 8.22 8.28 24.88
C PRO A 266 7.73 7.66 26.18
N VAL A 267 6.53 8.02 26.65
CA VAL A 267 5.99 7.44 27.90
C VAL A 267 5.36 6.06 27.59
N CYS A 268 4.44 6.05 26.63
CA CYS A 268 3.68 4.86 26.21
C CYS A 268 4.55 3.81 25.53
N GLN A 269 5.63 4.24 24.86
CA GLN A 269 6.50 3.35 24.11
C GLN A 269 7.89 3.38 24.71
N GLN A 270 8.05 2.71 25.85
CA GLN A 270 9.30 2.65 26.61
C GLN A 270 10.39 1.95 25.83
N LYS A 271 11.54 2.63 25.70
CA LYS A 271 12.74 2.22 24.96
C LYS A 271 13.21 0.78 25.26
O5' 3DR B 7 6.11 8.02 4.01
P 3DR B 7 7.11 9.08 4.70
OP1 3DR B 7 6.82 9.45 6.09
OP2 3DR B 7 8.54 8.51 4.54
C2' 3DR B 7 3.55 6.77 1.04
C5' 3DR B 7 4.78 8.23 3.70
C4' 3DR B 7 4.05 6.88 3.45
O4' 3DR B 7 2.69 7.25 3.22
C1' 3DR B 7 2.29 7.01 1.87
C3' 3DR B 7 4.47 6.15 2.11
O3' 3DR B 7 4.17 4.74 2.29
ZN ZN D . 1.60 8.45 25.70
C4 KB5 E . 10.10 -1.67 2.42
N3 KB5 E . 10.18 -0.04 3.95
C2 KB5 E . 10.90 -1.12 3.48
N1 KB5 E . 11.77 -3.36 2.23
S KB5 E . 7.84 1.20 3.42
C3 KB5 E . 8.99 0.01 3.18
N4 KB5 E . 8.91 -0.95 2.26
C KB5 E . 10.58 -2.81 1.78
N KB5 E . 9.92 -3.38 0.71
N2 KB5 E . 12.09 -1.61 3.92
C1 KB5 E . 12.43 -2.73 3.26
C1 GOL F . 8.89 -3.61 -8.74
O1 GOL F . 8.70 -4.70 -9.65
C2 GOL F . 7.86 -3.65 -7.63
O2 GOL F . 8.28 -4.53 -6.59
C3 GOL F . 7.56 -2.31 -7.01
O3 GOL F . 7.64 -1.27 -7.96
C1 GOL G . -14.29 4.21 -17.20
O1 GOL G . -14.41 4.94 -18.42
C2 GOL G . -15.27 4.69 -16.17
O2 GOL G . -16.59 4.74 -16.72
C3 GOL G . -14.88 6.08 -15.68
O3 GOL G . -14.97 7.03 -16.73
#